data_9G4W
#
_entry.id   9G4W
#
_cell.length_a   64.295
_cell.length_b   64.295
_cell.length_c   226.790
_cell.angle_alpha   90.00
_cell.angle_beta   90.00
_cell.angle_gamma   120.00
#
_symmetry.space_group_name_H-M   'P 32 2 1'
#
loop_
_entity.id
_entity.type
_entity.pdbx_description
1 polymer 'N6-adenosine-methyltransferase catalytic subunit'
2 polymer 'N6-adenosine-methyltransferase non-catalytic subunit'
3 non-polymer 4-[(3~{R})-3-(cyclopropylmethylamino)piperidin-1-yl]-1-[(1~{R})-1-[4-(6-pyrrolidin-1-ylpyrazin-2-yl)-1,2,3-triazol-1-yl]ethyl]pyridin-2-one
4 non-polymer 'CALCIUM ION'
5 water water
#
loop_
_entity_poly.entity_id
_entity_poly.type
_entity_poly.pdbx_seq_one_letter_code
_entity_poly.pdbx_strand_id
1 'polypeptide(L)'
;ADRLFPPQWICCDIRYLDVSILGKFAVVMADPPWDIHMELPYGTLTDDEMRRLNIPVLQDDGFLFLWVTGRAMELGRECL
NLWGYERVDEIIWVKTNQLQRIIRTGRTGHWLNHGKEHCLVGVKGNPQGFNQGLDCDVIVAEVRSTSHKPDEIYGMIERL
SPGTRKIELFGRPHNVQPNWITLGNQLDGIHLLDPDVVARFKQRYPDGIISKP
;
A
2 'polypeptide(L)'
;NDYCQHFVDTGHRPQNFIRDVGLADRFEEYPKLRELIRLKDELIAKSNTPPMYLQADIEAFDIRELTPKFDVILLEPPLE
EYYRETGITANEKCWTWDDIMKLEIDEIAAPRSFIFLWCGSGEGLDLGRVCLRKWGYRRCEDICWIKTNKNNPGKTKTLD
PKAVFQRTKEHCLMGIKGTVKRSTDGDFIHANVDIDLIITEEPEIGNIEKPVEIFHIIEHFCLGRRRLHLFGRDSTIRPG
WLTVGPTLTNSNYNAETYASYFSAPNSYLTGCTEEIERL
;
B
#
# COMPACT_ATOMS: atom_id res chain seq x y z
N ALA A 1 19.19 -8.66 24.83
CA ALA A 1 18.60 -9.53 23.78
C ALA A 1 17.98 -10.79 24.41
N ASP A 2 18.58 -11.30 25.49
CA ASP A 2 18.14 -12.53 26.21
C ASP A 2 16.74 -12.31 26.80
N ARG A 3 16.50 -11.12 27.37
CA ARG A 3 15.33 -10.72 28.23
C ARG A 3 14.01 -11.28 27.64
N LEU A 4 13.16 -11.83 28.52
CA LEU A 4 11.78 -12.31 28.23
C LEU A 4 10.89 -12.01 29.46
N PHE A 5 10.69 -10.73 29.76
CA PHE A 5 9.81 -10.19 30.84
C PHE A 5 8.36 -10.57 30.56
N PRO A 6 7.58 -11.09 31.54
CA PRO A 6 6.29 -11.69 31.22
C PRO A 6 5.24 -10.68 30.76
N PRO A 7 4.13 -11.14 30.15
CA PRO A 7 3.12 -10.23 29.62
C PRO A 7 2.50 -9.31 30.68
N GLN A 8 2.23 -8.05 30.32
CA GLN A 8 1.57 -7.04 31.17
C GLN A 8 0.55 -6.33 30.30
N TRP A 9 -0.52 -5.84 30.92
CA TRP A 9 -1.63 -5.14 30.26
C TRP A 9 -2.32 -4.15 31.18
N ILE A 10 -3.15 -3.30 30.59
CA ILE A 10 -3.97 -2.26 31.26
C ILE A 10 -5.23 -2.15 30.44
N CYS A 11 -6.36 -2.58 31.01
CA CYS A 11 -7.70 -2.25 30.50
C CYS A 11 -7.90 -0.75 30.70
N CYS A 12 -8.12 -0.01 29.61
CA CYS A 12 -8.37 1.45 29.66
C CYS A 12 -9.06 1.92 28.40
N ASP A 13 -9.62 3.11 28.50
CA ASP A 13 -9.86 4.03 27.36
C ASP A 13 -8.52 4.69 27.06
N ILE A 14 -7.96 4.41 25.89
CA ILE A 14 -6.57 4.82 25.54
C ILE A 14 -6.57 6.34 25.34
N ARG A 15 -7.74 6.94 25.11
CA ARG A 15 -7.89 8.41 25.01
C ARG A 15 -7.53 9.03 26.36
N TYR A 16 -7.72 8.33 27.49
CA TYR A 16 -7.70 8.92 28.86
C TYR A 16 -6.47 8.48 29.65
N LEU A 17 -5.87 7.34 29.34
CA LEU A 17 -4.72 6.85 30.13
C LEU A 17 -3.57 7.83 29.97
N ASP A 18 -2.89 8.12 31.08
CA ASP A 18 -1.63 8.90 31.09
C ASP A 18 -0.48 7.94 30.77
N VAL A 19 -0.05 7.88 29.50
CA VAL A 19 0.98 6.90 29.08
C VAL A 19 2.39 7.35 29.49
N SER A 20 2.56 8.54 30.09
CA SER A 20 3.88 8.99 30.61
C SER A 20 4.35 8.06 31.73
N ILE A 21 3.46 7.30 32.39
CA ILE A 21 3.84 6.42 33.53
C ILE A 21 4.55 5.16 33.03
N LEU A 22 4.51 4.88 31.72
CA LEU A 22 4.89 3.56 31.17
C LEU A 22 6.37 3.55 30.78
N GLY A 23 7.02 4.71 30.78
CA GLY A 23 8.41 4.84 30.30
C GLY A 23 8.47 4.75 28.77
N LYS A 24 9.64 4.34 28.29
CA LYS A 24 10.11 4.43 26.89
C LYS A 24 10.25 3.02 26.32
N PHE A 25 9.99 2.89 25.01
CA PHE A 25 9.83 1.58 24.32
C PHE A 25 10.64 1.60 23.03
N ALA A 26 11.27 0.48 22.71
CA ALA A 26 12.02 0.29 21.46
C ALA A 26 11.03 0.24 20.29
N VAL A 27 9.83 -0.33 20.52
CA VAL A 27 8.79 -0.53 19.48
C VAL A 27 7.43 -0.19 20.06
N VAL A 28 6.67 0.58 19.31
CA VAL A 28 5.24 0.86 19.54
C VAL A 28 4.51 0.16 18.42
N MET A 29 3.44 -0.58 18.72
CA MET A 29 2.48 -0.96 17.68
C MET A 29 1.08 -0.46 18.04
N ALA A 30 0.36 0.04 17.05
CA ALA A 30 -1.06 0.43 17.24
C ALA A 30 -1.93 -0.13 16.14
N ASP A 31 -3.11 -0.60 16.51
CA ASP A 31 -4.14 -1.09 15.56
C ASP A 31 -5.43 -0.34 15.82
N PRO A 32 -5.52 0.95 15.42
CA PRO A 32 -6.63 1.79 15.87
C PRO A 32 -7.92 1.45 15.15
N PRO A 33 -9.08 1.64 15.83
CA PRO A 33 -10.38 1.65 15.20
C PRO A 33 -10.58 3.01 14.57
N TRP A 34 -9.94 3.17 13.42
CA TRP A 34 -10.01 4.39 12.62
C TRP A 34 -11.47 4.68 12.30
N ASP A 35 -11.81 5.96 12.29
CA ASP A 35 -13.04 6.48 11.66
C ASP A 35 -12.88 6.32 10.14
N ILE A 36 -13.47 5.28 9.55
CA ILE A 36 -13.30 5.06 8.08
C ILE A 36 -14.54 5.60 7.34
N HIS A 37 -15.28 6.50 7.99
CA HIS A 37 -16.47 7.20 7.43
C HIS A 37 -17.49 6.15 7.01
N MET A 38 -17.94 5.32 7.93
CA MET A 38 -19.15 4.50 7.71
C MET A 38 -19.66 3.98 9.04
N GLU A 39 -20.96 3.72 9.10
CA GLU A 39 -21.67 2.96 10.16
C GLU A 39 -20.86 1.69 10.44
N LEU A 40 -20.37 1.50 11.67
CA LEU A 40 -19.60 0.28 12.06
C LEU A 40 -20.22 -0.34 13.31
N PRO A 41 -20.04 -1.66 13.52
CA PRO A 41 -20.48 -2.31 14.75
C PRO A 41 -19.64 -2.05 16.00
N TYR A 42 -18.50 -1.35 15.88
CA TYR A 42 -17.57 -1.06 17.01
C TYR A 42 -17.39 0.46 17.09
N GLY A 43 -16.96 0.93 18.26
CA GLY A 43 -16.58 2.33 18.50
C GLY A 43 -15.28 2.66 17.77
N THR A 44 -15.23 3.86 17.20
CA THR A 44 -14.05 4.42 16.51
C THR A 44 -13.57 5.66 17.24
N LEU A 45 -12.30 5.99 17.06
CA LEU A 45 -11.73 7.29 17.50
C LEU A 45 -11.91 8.29 16.35
N THR A 46 -12.31 9.51 16.66
CA THR A 46 -12.32 10.60 15.68
C THR A 46 -10.90 10.87 15.25
N ASP A 47 -10.77 11.49 14.08
CA ASP A 47 -9.48 11.96 13.57
C ASP A 47 -8.76 12.77 14.65
N ASP A 48 -9.46 13.68 15.32
CA ASP A 48 -8.82 14.57 16.32
C ASP A 48 -8.35 13.77 17.54
N GLU A 49 -9.14 12.78 17.97
CA GLU A 49 -8.76 11.89 19.10
C GLU A 49 -7.51 11.08 18.74
N MET A 50 -7.42 10.63 17.49
CA MET A 50 -6.21 9.90 17.03
C MET A 50 -5.01 10.84 17.02
N ARG A 51 -5.20 12.07 16.51
CA ARG A 51 -4.09 13.05 16.40
C ARG A 51 -3.56 13.35 17.80
N ARG A 52 -4.44 13.43 18.79
CA ARG A 52 -4.16 13.89 20.17
C ARG A 52 -3.55 12.75 21.01
N LEU A 53 -3.57 11.50 20.56
CA LEU A 53 -2.90 10.41 21.33
C LEU A 53 -1.47 10.79 21.65
N ASN A 54 -1.04 10.56 22.90
CA ASN A 54 0.28 11.02 23.39
C ASN A 54 1.36 10.01 23.01
N ILE A 55 1.41 9.63 21.73
CA ILE A 55 2.44 8.72 21.17
C ILE A 55 3.83 9.30 21.38
N PRO A 56 4.05 10.61 21.24
CA PRO A 56 5.40 11.15 21.40
C PRO A 56 6.14 10.85 22.72
N VAL A 57 5.42 10.63 23.83
CA VAL A 57 6.00 10.33 25.18
C VAL A 57 6.50 8.88 25.24
N LEU A 58 6.10 8.01 24.31
CA LEU A 58 6.38 6.55 24.40
C LEU A 58 7.80 6.19 23.97
N GLN A 59 8.50 6.98 23.15
CA GLN A 59 9.79 6.56 22.59
C GLN A 59 10.74 7.76 22.51
N ASP A 60 12.05 7.51 22.61
CA ASP A 60 13.09 8.49 22.20
C ASP A 60 13.64 8.04 20.85
N ASP A 61 13.98 6.76 20.73
CA ASP A 61 14.64 6.17 19.55
C ASP A 61 13.94 4.87 19.23
N GLY A 62 13.28 4.76 18.08
CA GLY A 62 12.77 3.41 17.75
C GLY A 62 11.72 3.41 16.69
N PHE A 63 10.97 2.32 16.63
CA PHE A 63 10.04 2.06 15.52
C PHE A 63 8.60 2.05 16.01
N LEU A 64 7.72 2.48 15.11
CA LEU A 64 6.24 2.50 15.24
C LEU A 64 5.65 1.64 14.14
N PHE A 65 4.82 0.68 14.52
CA PHE A 65 4.07 -0.14 13.55
C PHE A 65 2.61 0.33 13.63
N LEU A 66 2.07 0.89 12.55
CA LEU A 66 0.71 1.50 12.56
C LEU A 66 -0.17 0.86 11.49
N TRP A 67 -1.11 0.02 11.90
CA TRP A 67 -2.05 -0.61 10.95
C TRP A 67 -2.98 0.46 10.39
N VAL A 68 -3.23 0.45 9.07
CA VAL A 68 -4.04 1.44 8.34
C VAL A 68 -4.89 0.73 7.29
N THR A 69 -6.09 1.24 7.07
CA THR A 69 -7.06 0.74 6.10
C THR A 69 -7.81 1.95 5.55
N GLY A 70 -8.25 1.86 4.30
CA GLY A 70 -9.13 2.85 3.65
C GLY A 70 -8.55 4.24 3.79
N ARG A 71 -9.35 5.23 4.18
CA ARG A 71 -8.87 6.62 4.26
C ARG A 71 -7.74 6.76 5.30
N ALA A 72 -7.60 5.80 6.22
CA ALA A 72 -6.53 5.85 7.25
C ALA A 72 -5.18 5.55 6.61
N MET A 73 -5.11 5.12 5.35
CA MET A 73 -3.77 5.05 4.69
C MET A 73 -3.17 6.46 4.65
N GLU A 74 -4.03 7.47 4.49
CA GLU A 74 -3.62 8.89 4.44
C GLU A 74 -3.63 9.49 5.87
N LEU A 75 -4.66 9.23 6.66
CA LEU A 75 -4.72 9.81 8.04
C LEU A 75 -3.59 9.23 8.88
N GLY A 76 -3.30 7.93 8.74
CA GLY A 76 -2.23 7.29 9.51
C GLY A 76 -0.88 7.91 9.20
N ARG A 77 -0.63 8.24 7.92
CA ARG A 77 0.60 8.95 7.50
C ARG A 77 0.66 10.32 8.18
N GLU A 78 -0.46 11.03 8.23
CA GLU A 78 -0.52 12.35 8.92
C GLU A 78 -0.16 12.17 10.41
N CYS A 79 -0.80 11.20 11.08
CA CYS A 79 -0.58 10.93 12.50
C CYS A 79 0.87 10.59 12.71
N LEU A 80 1.38 9.66 11.90
CA LEU A 80 2.75 9.21 12.04
C LEU A 80 3.65 10.45 12.02
N ASN A 81 3.44 11.38 11.07
CA ASN A 81 4.35 12.56 10.91
C ASN A 81 4.11 13.51 12.10
N LEU A 82 2.86 13.78 12.41
CA LEU A 82 2.48 14.63 13.57
C LEU A 82 3.18 14.11 14.84
N TRP A 83 3.22 12.79 15.08
CA TRP A 83 3.81 12.20 16.32
C TRP A 83 5.35 12.20 16.28
N GLY A 84 5.97 12.63 15.16
CA GLY A 84 7.41 12.83 15.02
C GLY A 84 8.12 11.63 14.39
N TYR A 85 7.42 10.82 13.62
CA TYR A 85 8.02 9.68 12.89
C TYR A 85 8.13 10.02 11.40
N GLU A 86 9.13 9.42 10.75
CA GLU A 86 9.24 9.32 9.27
C GLU A 86 8.81 7.90 8.86
N ARG A 87 7.90 7.74 7.89
CA ARG A 87 7.53 6.37 7.38
C ARG A 87 8.70 5.82 6.60
N VAL A 88 9.25 4.67 6.98
CA VAL A 88 10.42 4.08 6.28
C VAL A 88 10.12 2.68 5.74
N ASP A 89 8.92 2.16 5.94
CA ASP A 89 8.61 0.83 5.38
C ASP A 89 7.10 0.67 5.43
N GLU A 90 6.57 -0.29 4.68
CA GLU A 90 5.13 -0.57 4.71
C GLU A 90 4.98 -2.08 4.56
N ILE A 91 4.52 -2.74 5.59
CA ILE A 91 4.30 -4.21 5.59
C ILE A 91 2.90 -4.49 5.03
N ILE A 92 2.75 -5.52 4.20
CA ILE A 92 1.40 -5.97 3.83
C ILE A 92 1.21 -7.42 4.30
N TRP A 93 0.04 -7.66 4.86
CA TRP A 93 -0.42 -9.00 5.29
C TRP A 93 -1.45 -9.47 4.26
N VAL A 94 -1.05 -10.47 3.48
CA VAL A 94 -1.94 -11.21 2.57
C VAL A 94 -2.69 -12.24 3.43
N LYS A 95 -4.01 -12.06 3.52
CA LYS A 95 -4.91 -12.89 4.35
C LYS A 95 -5.20 -14.15 3.53
N THR A 96 -4.90 -15.33 4.07
CA THR A 96 -5.20 -16.62 3.40
C THR A 96 -6.12 -17.47 4.28
N ASN A 97 -6.64 -18.56 3.73
CA ASN A 97 -7.27 -19.67 4.52
C ASN A 97 -6.19 -20.68 4.91
N GLN A 98 -6.62 -21.82 5.48
CA GLN A 98 -5.73 -22.94 5.91
C GLN A 98 -4.97 -23.50 4.69
N LEU A 99 -5.47 -23.29 3.47
CA LEU A 99 -4.86 -23.87 2.23
C LEU A 99 -4.06 -22.83 1.43
N GLN A 100 -3.66 -21.74 2.09
CA GLN A 100 -2.79 -20.66 1.55
C GLN A 100 -3.44 -20.06 0.29
N ARG A 101 -4.76 -20.05 0.26
CA ARG A 101 -5.55 -19.35 -0.79
C ARG A 101 -5.93 -17.97 -0.23
N ILE A 102 -5.77 -16.91 -1.00
CA ILE A 102 -6.12 -15.52 -0.57
C ILE A 102 -7.60 -15.44 -0.21
N ILE A 103 -7.92 -14.86 0.95
CA ILE A 103 -9.31 -14.44 1.33
C ILE A 103 -9.56 -13.02 0.75
N ARG A 104 -10.48 -12.89 -0.20
CA ARG A 104 -10.70 -11.63 -0.95
C ARG A 104 -12.08 -11.05 -0.63
N THR A 105 -12.10 -9.93 0.11
CA THR A 105 -13.28 -9.21 0.63
C THR A 105 -13.57 -7.97 -0.23
N GLY A 106 -14.85 -7.61 -0.39
CA GLY A 106 -15.30 -6.46 -1.22
C GLY A 106 -16.18 -5.51 -0.44
N ARG A 107 -15.76 -4.24 -0.33
CA ARG A 107 -16.61 -3.10 0.15
C ARG A 107 -17.43 -2.58 -1.02
N THR A 108 -18.63 -2.05 -0.74
CA THR A 108 -19.53 -1.43 -1.75
C THR A 108 -18.93 -0.11 -2.23
N GLY A 109 -18.03 0.54 -1.45
CA GLY A 109 -17.35 1.79 -1.86
C GLY A 109 -16.20 1.58 -2.86
N HIS A 110 -15.84 0.33 -3.22
CA HIS A 110 -14.48 0.02 -3.74
C HIS A 110 -14.51 -0.57 -5.14
N TRP A 111 -13.42 -0.33 -5.86
CA TRP A 111 -13.19 -0.74 -7.26
C TRP A 111 -12.65 -2.18 -7.34
N LEU A 112 -11.92 -2.59 -6.31
CA LEU A 112 -11.19 -3.87 -6.28
C LEU A 112 -11.58 -4.66 -5.02
N ASN A 113 -11.59 -5.98 -5.14
CA ASN A 113 -11.56 -6.86 -3.95
C ASN A 113 -10.24 -6.58 -3.24
N HIS A 114 -10.22 -6.64 -1.93
CA HIS A 114 -9.02 -6.36 -1.10
C HIS A 114 -8.47 -7.69 -0.63
N GLY A 115 -7.18 -7.95 -0.86
CA GLY A 115 -6.49 -9.17 -0.45
C GLY A 115 -5.55 -8.97 0.71
N LYS A 116 -5.41 -7.76 1.25
CA LYS A 116 -4.31 -7.48 2.21
C LYS A 116 -4.70 -6.38 3.22
N GLU A 117 -3.94 -6.31 4.30
CA GLU A 117 -3.99 -5.24 5.31
C GLU A 117 -2.59 -4.62 5.37
N HIS A 118 -2.55 -3.30 5.47
CA HIS A 118 -1.30 -2.52 5.47
C HIS A 118 -0.91 -2.16 6.89
N CYS A 119 0.40 -2.16 7.13
CA CYS A 119 1.04 -1.71 8.38
C CYS A 119 2.17 -0.76 8.00
N LEU A 120 1.99 0.53 8.34
CA LEU A 120 3.08 1.52 8.15
C LEU A 120 4.17 1.29 9.19
N VAL A 121 5.42 1.44 8.78
CA VAL A 121 6.56 1.41 9.73
C VAL A 121 7.17 2.80 9.79
N GLY A 122 7.17 3.38 10.98
CA GLY A 122 7.78 4.69 11.24
C GLY A 122 9.03 4.56 12.04
N VAL A 123 9.95 5.51 11.86
CA VAL A 123 11.15 5.59 12.74
C VAL A 123 11.22 6.98 13.37
N LYS A 124 11.64 7.03 14.63
CA LYS A 124 11.86 8.28 15.41
C LYS A 124 13.29 8.21 15.94
N GLY A 125 14.01 9.33 15.88
CA GLY A 125 15.31 9.43 16.56
C GLY A 125 16.39 8.61 15.87
N ASN A 126 17.33 8.07 16.65
CA ASN A 126 18.54 7.37 16.17
C ASN A 126 18.57 5.95 16.70
N PRO A 127 17.69 5.05 16.23
CA PRO A 127 17.66 3.70 16.77
C PRO A 127 19.00 3.01 16.50
N GLN A 128 19.57 2.40 17.53
CA GLN A 128 20.84 1.64 17.40
C GLN A 128 20.62 0.19 17.86
N GLY A 129 21.26 -0.75 17.19
CA GLY A 129 21.28 -2.17 17.59
C GLY A 129 20.00 -2.90 17.19
N PHE A 130 19.31 -2.48 16.15
CA PHE A 130 18.13 -3.22 15.60
C PHE A 130 18.67 -4.14 14.50
N ASN A 131 17.99 -5.24 14.18
CA ASN A 131 18.46 -6.14 13.11
C ASN A 131 17.64 -5.93 11.85
N GLN A 132 17.97 -4.90 11.07
CA GLN A 132 17.16 -4.50 9.90
C GLN A 132 17.38 -5.55 8.81
N GLY A 133 16.35 -5.91 8.07
CA GLY A 133 16.51 -6.71 6.83
C GLY A 133 16.56 -8.20 7.10
N LEU A 134 16.17 -8.65 8.29
CA LEU A 134 16.03 -10.12 8.55
C LEU A 134 14.75 -10.62 7.91
N ASP A 135 13.67 -9.90 8.12
CA ASP A 135 12.35 -10.28 7.59
C ASP A 135 12.04 -9.50 6.33
N CYS A 136 11.13 -9.97 5.53
N CYS A 136 11.09 -10.03 5.59
CA CYS A 136 10.68 -9.18 4.36
CA CYS A 136 10.46 -9.45 4.37
C CYS A 136 9.31 -8.58 4.69
C CYS A 136 9.37 -8.47 4.78
N ASP A 137 8.88 -7.67 3.83
CA ASP A 137 7.73 -6.75 4.07
C ASP A 137 6.41 -7.37 3.60
N VAL A 138 6.34 -8.68 3.38
CA VAL A 138 5.05 -9.35 3.05
C VAL A 138 4.83 -10.49 4.06
N ILE A 139 3.69 -10.48 4.74
CA ILE A 139 3.24 -11.57 5.66
C ILE A 139 2.18 -12.35 4.90
N VAL A 140 2.31 -13.67 4.87
CA VAL A 140 1.25 -14.57 4.36
C VAL A 140 0.79 -15.41 5.57
N ALA A 141 -0.45 -15.22 6.01
CA ALA A 141 -0.92 -15.77 7.29
C ALA A 141 -2.44 -15.84 7.30
N GLU A 142 -2.95 -16.76 8.11
CA GLU A 142 -4.38 -17.11 8.22
C GLU A 142 -5.09 -16.07 9.09
N VAL A 143 -6.34 -15.74 8.73
CA VAL A 143 -7.28 -14.93 9.57
C VAL A 143 -7.67 -15.75 10.82
N ARG A 144 -7.59 -15.17 12.02
CA ARG A 144 -7.98 -15.80 13.31
C ARG A 144 -9.16 -15.03 13.94
N SER A 145 -9.96 -15.70 14.78
CA SER A 145 -11.19 -15.12 15.40
C SER A 145 -10.83 -14.32 16.67
N THR A 146 -9.68 -14.60 17.29
CA THR A 146 -9.28 -14.04 18.61
C THR A 146 -8.40 -12.78 18.44
N SER A 147 -8.01 -12.47 17.20
CA SER A 147 -7.08 -11.34 16.91
C SER A 147 -7.44 -10.67 15.57
N HIS A 148 -7.22 -9.37 15.49
CA HIS A 148 -7.47 -8.58 14.27
C HIS A 148 -6.32 -8.78 13.28
N LYS A 149 -5.17 -9.21 13.77
CA LYS A 149 -3.87 -9.18 13.03
C LYS A 149 -3.17 -10.51 13.26
N PRO A 150 -2.19 -10.86 12.40
CA PRO A 150 -1.50 -12.15 12.51
C PRO A 150 -0.41 -12.13 13.59
N ASP A 151 -0.17 -13.24 14.29
CA ASP A 151 0.86 -13.31 15.35
C ASP A 151 2.26 -13.19 14.75
N GLU A 152 2.40 -13.46 13.45
CA GLU A 152 3.71 -13.34 12.76
C GLU A 152 4.29 -11.95 13.03
N ILE A 153 3.48 -10.89 13.14
CA ILE A 153 4.07 -9.53 13.34
C ILE A 153 4.96 -9.51 14.61
N TYR A 154 4.58 -10.25 15.66
CA TYR A 154 5.33 -10.25 16.95
C TYR A 154 6.69 -10.90 16.74
N GLY A 155 6.78 -11.97 15.94
CA GLY A 155 8.08 -12.58 15.60
C GLY A 155 8.97 -11.65 14.81
N MET A 156 8.45 -11.00 13.78
CA MET A 156 9.21 -10.00 12.98
C MET A 156 9.76 -8.92 13.92
N ILE A 157 8.92 -8.44 14.84
CA ILE A 157 9.33 -7.33 15.75
C ILE A 157 10.40 -7.83 16.72
N GLU A 158 10.28 -9.07 17.20
CA GLU A 158 11.23 -9.62 18.18
C GLU A 158 12.57 -9.79 17.47
N ARG A 159 12.57 -10.27 16.22
CA ARG A 159 13.83 -10.51 15.47
C ARG A 159 14.47 -9.17 15.22
N LEU A 160 13.66 -8.15 14.98
CA LEU A 160 14.14 -6.78 14.68
C LEU A 160 14.82 -6.22 15.93
N SER A 161 14.24 -6.45 17.09
CA SER A 161 14.58 -5.80 18.39
C SER A 161 14.42 -6.81 19.52
N PRO A 162 15.30 -7.84 19.61
CA PRO A 162 15.15 -8.87 20.64
C PRO A 162 15.38 -8.34 22.06
N GLY A 163 14.47 -8.67 22.97
CA GLY A 163 14.62 -8.46 24.42
C GLY A 163 14.25 -7.07 24.88
N THR A 164 13.94 -6.15 23.98
CA THR A 164 13.59 -4.73 24.31
C THR A 164 12.14 -4.66 24.77
N ARG A 165 11.81 -3.68 25.59
CA ARG A 165 10.40 -3.45 25.99
C ARG A 165 9.62 -2.81 24.83
N LYS A 166 8.38 -3.26 24.68
CA LYS A 166 7.49 -2.90 23.54
C LYS A 166 6.12 -2.55 24.09
N ILE A 167 5.37 -1.72 23.37
CA ILE A 167 4.01 -1.37 23.81
C ILE A 167 3.06 -1.54 22.62
N GLU A 168 1.87 -2.09 22.90
CA GLU A 168 0.77 -2.25 21.92
C GLU A 168 -0.42 -1.44 22.37
N LEU A 169 -0.97 -0.66 21.45
CA LEU A 169 -2.25 0.07 21.60
C LEU A 169 -3.35 -0.60 20.79
N PHE A 170 -4.50 -0.81 21.42
CA PHE A 170 -5.76 -1.34 20.82
C PHE A 170 -5.61 -2.84 20.60
N GLY A 171 -4.88 -3.46 21.50
CA GLY A 171 -4.65 -4.91 21.55
C GLY A 171 -5.81 -5.64 22.20
N ARG A 172 -6.02 -6.89 21.80
CA ARG A 172 -6.98 -7.81 22.43
C ARG A 172 -6.24 -8.73 23.40
N PRO A 173 -6.99 -9.45 24.27
CA PRO A 173 -6.35 -10.36 25.23
C PRO A 173 -5.41 -11.42 24.64
N HIS A 174 -5.76 -11.99 23.47
CA HIS A 174 -4.86 -12.95 22.76
C HIS A 174 -3.51 -12.30 22.42
N ASN A 175 -3.45 -10.97 22.34
CA ASN A 175 -2.24 -10.21 21.88
C ASN A 175 -1.21 -10.05 22.99
N VAL A 176 -1.55 -10.32 24.26
CA VAL A 176 -0.57 -10.10 25.38
C VAL A 176 0.59 -11.04 25.10
N GLN A 177 1.83 -10.60 25.33
CA GLN A 177 3.08 -11.30 24.91
C GLN A 177 4.20 -10.93 25.87
N PRO A 178 5.21 -11.80 26.06
CA PRO A 178 6.39 -11.40 26.82
C PRO A 178 7.07 -10.19 26.16
N ASN A 179 7.57 -9.27 26.99
CA ASN A 179 8.30 -8.04 26.62
C ASN A 179 7.33 -6.94 26.18
N TRP A 180 6.05 -7.25 26.05
CA TRP A 180 5.00 -6.27 25.68
C TRP A 180 4.14 -5.86 26.87
N ILE A 181 3.80 -4.57 26.91
CA ILE A 181 2.64 -4.05 27.67
C ILE A 181 1.56 -3.77 26.64
N THR A 182 0.37 -4.33 26.86
CA THR A 182 -0.80 -4.25 25.98
C THR A 182 -1.81 -3.29 26.59
N LEU A 183 -2.29 -2.33 25.79
CA LEU A 183 -3.38 -1.39 26.17
C LEU A 183 -4.56 -1.67 25.27
N GLY A 184 -5.76 -1.63 25.84
CA GLY A 184 -7.04 -1.78 25.13
C GLY A 184 -8.18 -1.81 26.15
N ASN A 185 -9.42 -1.63 25.67
CA ASN A 185 -10.62 -1.53 26.53
C ASN A 185 -11.37 -2.87 26.61
N GLN A 186 -10.86 -3.96 26.02
CA GLN A 186 -11.49 -5.31 26.10
C GLN A 186 -10.61 -6.21 26.98
N LEU A 187 -9.53 -5.68 27.52
CA LEU A 187 -8.61 -6.45 28.40
C LEU A 187 -9.26 -6.58 29.76
N ASP A 188 -8.74 -7.49 30.57
CA ASP A 188 -9.39 -7.86 31.85
C ASP A 188 -8.56 -7.24 32.98
N GLY A 189 -9.03 -6.10 33.51
CA GLY A 189 -8.35 -5.31 34.55
C GLY A 189 -6.94 -4.91 34.16
N ILE A 190 -6.04 -4.90 35.15
CA ILE A 190 -4.65 -4.36 35.05
C ILE A 190 -3.70 -5.44 35.54
N HIS A 191 -2.58 -5.68 34.87
CA HIS A 191 -1.57 -6.69 35.24
C HIS A 191 -0.19 -6.13 34.94
N LEU A 192 0.56 -5.70 35.99
CA LEU A 192 1.84 -4.95 35.93
C LEU A 192 2.87 -5.56 36.88
N LEU A 193 4.08 -5.83 36.38
CA LEU A 193 5.17 -6.56 37.07
C LEU A 193 6.46 -5.75 37.09
N ASP A 194 6.67 -4.88 36.10
CA ASP A 194 7.88 -4.00 36.02
C ASP A 194 7.84 -3.07 37.21
N PRO A 195 8.80 -3.17 38.16
CA PRO A 195 8.76 -2.37 39.38
C PRO A 195 8.74 -0.86 39.06
N ASP A 196 9.57 -0.39 38.11
CA ASP A 196 9.56 1.03 37.66
C ASP A 196 8.13 1.44 37.32
N VAL A 197 7.43 0.67 36.48
CA VAL A 197 6.04 0.94 36.01
C VAL A 197 5.05 0.81 37.17
N VAL A 198 5.20 -0.22 38.00
CA VAL A 198 4.24 -0.42 39.13
C VAL A 198 4.29 0.81 40.05
N ALA A 199 5.49 1.23 40.46
CA ALA A 199 5.69 2.47 41.25
C ALA A 199 4.93 3.61 40.55
N ARG A 200 5.37 3.99 39.34
CA ARG A 200 4.85 5.21 38.66
C ARG A 200 3.33 5.06 38.56
N PHE A 201 2.80 3.85 38.34
CA PHE A 201 1.33 3.66 38.23
C PHE A 201 0.65 3.93 39.58
N LYS A 202 1.19 3.34 40.66
CA LYS A 202 0.63 3.56 42.02
C LYS A 202 0.57 5.07 42.25
N GLN A 203 1.71 5.72 42.03
CA GLN A 203 1.96 7.16 42.31
C GLN A 203 1.03 8.04 41.48
N ARG A 204 0.67 7.69 40.24
CA ARG A 204 -0.24 8.46 39.35
C ARG A 204 -1.71 8.14 39.61
N TYR A 205 -2.00 6.86 39.90
CA TYR A 205 -3.38 6.32 39.99
C TYR A 205 -3.54 5.58 41.33
N PRO A 206 -3.34 6.26 42.49
CA PRO A 206 -3.30 5.57 43.78
C PRO A 206 -4.60 4.80 44.10
N ASP A 207 -5.75 5.31 43.67
CA ASP A 207 -7.08 4.65 43.80
C ASP A 207 -7.39 3.84 42.53
N GLY A 208 -6.36 3.36 41.82
CA GLY A 208 -6.47 2.45 40.66
C GLY A 208 -7.68 2.68 39.75
N ILE A 209 -8.09 3.94 39.51
CA ILE A 209 -9.19 4.27 38.54
C ILE A 209 -8.64 5.25 37.49
N ILE A 210 -9.02 5.04 36.21
CA ILE A 210 -8.47 5.76 35.03
C ILE A 210 -9.61 6.53 34.34
N SER A 211 -10.04 7.65 34.94
CA SER A 211 -11.22 8.45 34.50
C SER A 211 -10.79 9.50 33.47
N LYS A 212 -11.76 9.97 32.68
CA LYS A 212 -11.66 11.16 31.79
C LYS A 212 -10.91 12.25 32.55
N PRO A 213 -9.73 12.72 32.07
CA PRO A 213 -8.95 13.72 32.79
C PRO A 213 -9.37 15.15 32.41
N ASN B 1 2.97 -23.32 9.32
CA ASN B 1 2.71 -22.23 10.30
C ASN B 1 3.39 -20.94 9.80
N ASP B 2 4.62 -20.63 10.24
CA ASP B 2 5.14 -19.22 10.22
C ASP B 2 6.07 -19.00 9.01
N TYR B 3 5.54 -18.43 7.92
CA TYR B 3 6.30 -18.18 6.67
C TYR B 3 7.34 -17.09 6.88
N CYS B 4 7.21 -16.23 7.90
CA CYS B 4 8.23 -15.20 8.19
C CYS B 4 9.49 -15.88 8.72
N GLN B 5 9.35 -16.71 9.77
CA GLN B 5 10.46 -17.52 10.34
C GLN B 5 11.09 -18.33 9.20
N HIS B 6 10.24 -18.92 8.36
CA HIS B 6 10.67 -19.77 7.21
C HIS B 6 11.52 -18.95 6.25
N PHE B 7 11.15 -17.68 5.98
CA PHE B 7 11.97 -16.79 5.13
C PHE B 7 13.33 -16.55 5.78
N VAL B 8 13.33 -16.28 7.09
CA VAL B 8 14.56 -16.02 7.87
C VAL B 8 15.44 -17.29 7.78
N ASP B 9 14.81 -18.47 7.79
CA ASP B 9 15.50 -19.79 7.85
C ASP B 9 16.11 -20.15 6.49
N THR B 10 15.39 -19.91 5.38
CA THR B 10 15.63 -20.52 4.05
C THR B 10 15.84 -19.47 2.94
N GLY B 11 15.38 -18.23 3.14
CA GLY B 11 15.37 -17.20 2.08
C GLY B 11 14.22 -17.33 1.10
N HIS B 12 13.32 -18.30 1.27
CA HIS B 12 12.05 -18.40 0.52
C HIS B 12 11.05 -17.38 1.09
N ARG B 13 10.65 -16.42 0.25
CA ARG B 13 9.70 -15.33 0.64
C ARG B 13 8.34 -15.96 0.94
N PRO B 14 7.63 -15.50 1.99
CA PRO B 14 6.30 -16.03 2.30
C PRO B 14 5.35 -16.11 1.10
N GLN B 15 5.39 -15.10 0.20
CA GLN B 15 4.52 -15.06 -1.00
C GLN B 15 4.77 -16.28 -1.92
N ASN B 16 5.94 -16.92 -1.81
CA ASN B 16 6.27 -18.17 -2.58
C ASN B 16 5.23 -19.26 -2.30
N PHE B 17 4.50 -19.17 -1.19
CA PHE B 17 3.68 -20.27 -0.65
C PHE B 17 2.21 -19.94 -0.83
N ILE B 18 1.89 -18.85 -1.52
CA ILE B 18 0.49 -18.57 -1.91
C ILE B 18 0.13 -19.54 -3.05
N ARG B 19 -1.02 -20.20 -2.91
CA ARG B 19 -1.53 -21.20 -3.89
C ARG B 19 -2.47 -20.50 -4.88
N ASP B 20 -2.68 -21.16 -6.02
CA ASP B 20 -3.60 -20.75 -7.12
C ASP B 20 -3.09 -19.43 -7.71
N VAL B 21 -1.82 -19.45 -8.16
CA VAL B 21 -1.12 -18.31 -8.83
C VAL B 21 0.26 -18.80 -9.28
N LEU B 33 -17.94 -20.26 -13.53
CA LEU B 33 -17.22 -19.39 -12.55
C LEU B 33 -16.91 -18.03 -13.19
N ARG B 34 -16.29 -18.03 -14.38
CA ARG B 34 -15.71 -16.82 -15.05
C ARG B 34 -15.82 -16.91 -16.59
N GLU B 35 -16.89 -17.50 -17.13
CA GLU B 35 -17.18 -17.50 -18.59
C GLU B 35 -17.75 -16.14 -18.99
N LEU B 36 -18.06 -15.32 -17.98
CA LEU B 36 -18.13 -13.83 -18.03
C LEU B 36 -16.91 -13.28 -18.76
N ILE B 37 -15.73 -13.63 -18.26
CA ILE B 37 -14.46 -12.90 -18.53
C ILE B 37 -14.14 -13.07 -20.02
N ARG B 38 -14.46 -14.24 -20.58
CA ARG B 38 -14.36 -14.50 -22.04
C ARG B 38 -15.14 -13.43 -22.81
N LEU B 39 -16.45 -13.31 -22.53
CA LEU B 39 -17.42 -12.39 -23.23
C LEU B 39 -16.99 -10.93 -23.07
N LYS B 40 -16.20 -10.62 -22.03
CA LYS B 40 -15.84 -9.25 -21.59
C LYS B 40 -14.45 -8.85 -22.12
N ASP B 41 -13.42 -9.68 -21.87
CA ASP B 41 -12.08 -9.53 -22.50
C ASP B 41 -12.32 -9.44 -24.01
N GLU B 42 -13.37 -10.09 -24.50
CA GLU B 42 -13.77 -10.07 -25.93
C GLU B 42 -14.28 -8.67 -26.33
N LEU B 43 -15.13 -8.07 -25.50
CA LEU B 43 -15.74 -6.75 -25.80
C LEU B 43 -14.65 -5.67 -25.72
N ILE B 44 -13.75 -5.80 -24.75
CA ILE B 44 -12.59 -4.88 -24.61
C ILE B 44 -11.79 -4.96 -25.91
N ALA B 45 -11.47 -6.18 -26.34
CA ALA B 45 -10.66 -6.44 -27.55
C ALA B 45 -11.36 -5.81 -28.77
N LYS B 46 -12.68 -5.95 -28.87
CA LYS B 46 -13.42 -5.41 -30.04
C LYS B 46 -13.53 -3.88 -29.94
N SER B 47 -13.65 -3.29 -28.76
CA SER B 47 -13.84 -1.81 -28.66
C SER B 47 -12.49 -1.10 -28.73
N ASN B 48 -11.36 -1.81 -28.54
CA ASN B 48 -10.02 -1.18 -28.42
C ASN B 48 -9.67 -0.38 -29.69
N THR B 49 -9.13 0.81 -29.48
CA THR B 49 -8.52 1.61 -30.55
C THR B 49 -7.29 0.85 -31.03
N PRO B 50 -6.87 1.09 -32.27
CA PRO B 50 -5.58 0.63 -32.75
C PRO B 50 -4.51 1.19 -31.83
N PRO B 51 -3.42 0.46 -31.55
CA PRO B 51 -2.36 1.03 -30.73
C PRO B 51 -1.83 2.34 -31.34
N MET B 52 -1.63 3.36 -30.51
N MET B 52 -1.56 3.30 -30.46
CA MET B 52 -0.98 4.63 -30.95
CA MET B 52 -1.01 4.62 -30.80
C MET B 52 0.15 4.93 -29.98
C MET B 52 0.22 4.87 -29.94
N TYR B 53 1.24 5.50 -30.48
CA TYR B 53 2.49 5.66 -29.73
C TYR B 53 3.25 6.86 -30.29
N LEU B 54 3.99 7.49 -29.39
CA LEU B 54 4.76 8.73 -29.68
C LEU B 54 6.02 8.73 -28.84
N GLN B 55 7.15 8.77 -29.50
CA GLN B 55 8.46 9.05 -28.88
C GLN B 55 8.41 10.52 -28.41
N ALA B 56 8.69 10.76 -27.15
CA ALA B 56 8.68 12.13 -26.59
C ALA B 56 9.50 12.13 -25.33
N ASP B 57 10.46 13.06 -25.28
CA ASP B 57 11.24 13.36 -24.05
CA ASP B 57 11.25 13.40 -24.07
C ASP B 57 10.31 14.19 -23.15
N ILE B 58 9.69 13.52 -22.17
CA ILE B 58 8.53 14.07 -21.41
C ILE B 58 8.98 15.27 -20.54
N GLU B 59 10.27 15.39 -20.22
CA GLU B 59 10.81 16.57 -19.46
C GLU B 59 10.83 17.82 -20.37
N ALA B 60 11.14 17.65 -21.66
CA ALA B 60 11.22 18.75 -22.67
C ALA B 60 9.82 19.06 -23.23
N PHE B 61 9.00 18.03 -23.44
CA PHE B 61 7.73 18.03 -24.22
C PHE B 61 6.61 18.65 -23.40
N ASP B 62 5.76 19.45 -24.07
CA ASP B 62 4.54 20.10 -23.53
C ASP B 62 3.40 19.08 -23.58
N ILE B 63 3.05 18.56 -22.43
CA ILE B 63 2.06 17.46 -22.22
C ILE B 63 0.71 17.86 -22.84
N ARG B 64 0.41 19.17 -22.92
CA ARG B 64 -0.90 19.63 -23.43
C ARG B 64 -1.08 19.29 -24.92
N GLU B 65 -0.02 18.91 -25.64
CA GLU B 65 -0.11 18.48 -27.07
C GLU B 65 -0.85 17.14 -27.17
N LEU B 66 -1.03 16.43 -26.05
CA LEU B 66 -1.71 15.12 -26.02
C LEU B 66 -3.19 15.37 -25.77
N THR B 67 -3.99 15.22 -26.81
CA THR B 67 -5.46 15.42 -26.75
C THR B 67 -6.06 14.16 -27.36
N PRO B 68 -7.36 13.88 -27.10
CA PRO B 68 -8.18 14.67 -26.18
C PRO B 68 -7.84 14.30 -24.73
N LYS B 69 -8.62 14.79 -23.77
CA LYS B 69 -8.46 14.53 -22.32
C LYS B 69 -8.71 13.06 -22.02
N PHE B 70 -7.89 12.47 -21.16
CA PHE B 70 -7.84 11.01 -20.93
C PHE B 70 -8.81 10.57 -19.83
N ASP B 71 -9.42 9.42 -20.06
CA ASP B 71 -10.24 8.68 -19.07
C ASP B 71 -9.34 7.99 -18.04
N VAL B 72 -8.21 7.44 -18.52
CA VAL B 72 -7.24 6.68 -17.68
C VAL B 72 -5.82 7.09 -18.04
N ILE B 73 -5.00 7.32 -17.03
CA ILE B 73 -3.56 7.63 -17.18
C ILE B 73 -2.82 6.60 -16.33
N LEU B 74 -1.92 5.85 -16.97
CA LEU B 74 -0.93 4.97 -16.34
C LEU B 74 0.41 5.67 -16.41
N LEU B 75 1.00 5.92 -15.27
CA LEU B 75 2.21 6.76 -15.14
C LEU B 75 3.29 5.89 -14.51
N GLU B 76 4.38 5.67 -15.25
CA GLU B 76 5.47 4.73 -14.93
C GLU B 76 6.80 5.44 -14.99
N PRO B 77 6.99 6.57 -14.24
CA PRO B 77 8.28 7.26 -14.29
C PRO B 77 9.41 6.35 -13.87
N PRO B 78 10.59 6.45 -14.54
CA PRO B 78 11.72 5.57 -14.22
C PRO B 78 12.41 6.03 -12.93
N LEU B 79 12.08 5.42 -11.81
CA LEU B 79 12.65 5.78 -10.48
C LEU B 79 14.07 5.23 -10.37
N GLU B 80 14.94 5.93 -9.65
CA GLU B 80 16.36 5.47 -9.42
C GLU B 80 16.32 4.06 -8.81
N GLU B 81 15.38 3.78 -7.90
CA GLU B 81 15.33 2.49 -7.17
C GLU B 81 15.12 1.32 -8.13
N TYR B 82 14.58 1.53 -9.33
CA TYR B 82 14.38 0.41 -10.29
C TYR B 82 15.74 -0.08 -10.82
N TYR B 83 16.75 0.79 -10.80
CA TYR B 83 18.12 0.58 -11.35
C TYR B 83 19.12 0.60 -10.19
N ARG B 84 19.41 -0.55 -9.60
CA ARG B 84 20.32 -0.65 -8.42
C ARG B 84 21.03 -1.99 -8.45
N GLU B 85 21.73 -2.29 -9.57
CA GLU B 85 22.49 -3.56 -9.78
C GLU B 85 23.44 -3.39 -10.96
N GLU B 92 20.94 9.43 -14.48
CA GLU B 92 20.86 10.46 -15.57
C GLU B 92 19.40 10.58 -16.03
N LYS B 93 18.91 9.54 -16.72
CA LYS B 93 17.55 9.45 -17.33
C LYS B 93 16.52 9.08 -16.26
N CYS B 94 16.90 8.87 -15.00
CA CYS B 94 15.95 8.55 -13.91
C CYS B 94 15.19 9.82 -13.48
N TRP B 95 13.95 9.67 -13.05
CA TRP B 95 13.07 10.79 -12.63
C TRP B 95 13.02 10.80 -11.11
N THR B 96 13.21 11.95 -10.49
CA THR B 96 12.99 12.14 -9.03
C THR B 96 11.52 12.46 -8.80
N TRP B 97 11.10 12.38 -7.55
CA TRP B 97 9.76 12.82 -7.15
C TRP B 97 9.59 14.33 -7.36
N ASP B 98 10.66 15.12 -7.26
CA ASP B 98 10.65 16.58 -7.62
C ASP B 98 10.17 16.71 -9.07
N ASP B 99 10.78 15.94 -9.98
CA ASP B 99 10.53 15.98 -11.43
C ASP B 99 9.09 15.50 -11.67
N ILE B 100 8.69 14.44 -11.00
CA ILE B 100 7.38 13.82 -11.28
C ILE B 100 6.27 14.77 -10.82
N MET B 101 6.39 15.32 -9.62
CA MET B 101 5.35 16.16 -8.99
C MET B 101 5.12 17.40 -9.87
N LYS B 102 6.09 17.79 -10.70
CA LYS B 102 6.01 19.02 -11.54
C LYS B 102 5.35 18.72 -12.88
N LEU B 103 4.96 17.46 -13.17
CA LEU B 103 4.24 17.13 -14.41
C LEU B 103 2.83 17.71 -14.33
N GLU B 104 2.33 18.17 -15.46
CA GLU B 104 1.05 18.93 -15.53
C GLU B 104 -0.08 17.95 -15.82
N ILE B 105 -0.22 16.91 -14.98
CA ILE B 105 -1.17 15.80 -15.26
C ILE B 105 -2.60 16.33 -15.28
N ASP B 106 -2.93 17.27 -14.40
CA ASP B 106 -4.28 17.87 -14.32
C ASP B 106 -4.66 18.49 -15.68
N GLU B 107 -3.70 18.88 -16.51
CA GLU B 107 -3.99 19.60 -17.79
C GLU B 107 -4.46 18.61 -18.85
N ILE B 108 -4.26 17.30 -18.67
CA ILE B 108 -4.63 16.32 -19.73
C ILE B 108 -5.64 15.31 -19.19
N ALA B 109 -5.96 15.30 -17.91
CA ALA B 109 -6.94 14.37 -17.31
C ALA B 109 -8.36 14.88 -17.56
N ALA B 110 -9.27 14.00 -17.96
CA ALA B 110 -10.71 14.33 -18.08
C ALA B 110 -11.22 14.66 -16.68
N PRO B 111 -12.25 15.54 -16.54
CA PRO B 111 -12.77 15.93 -15.23
C PRO B 111 -13.27 14.74 -14.41
N ARG B 112 -13.79 13.70 -15.07
CA ARG B 112 -14.00 12.37 -14.46
C ARG B 112 -12.96 11.45 -15.08
N SER B 113 -12.00 10.98 -14.29
CA SER B 113 -10.91 10.13 -14.81
C SER B 113 -10.14 9.47 -13.68
N PHE B 114 -9.21 8.60 -14.07
CA PHE B 114 -8.46 7.69 -13.18
C PHE B 114 -6.98 7.82 -13.51
N ILE B 115 -6.19 7.61 -12.49
CA ILE B 115 -4.72 7.50 -12.63
C ILE B 115 -4.25 6.26 -11.91
N PHE B 116 -3.22 5.64 -12.46
CA PHE B 116 -2.51 4.48 -11.89
C PHE B 116 -1.05 4.89 -11.90
N LEU B 117 -0.49 5.09 -10.71
CA LEU B 117 0.90 5.59 -10.56
C LEU B 117 1.73 4.51 -9.91
N TRP B 118 2.74 3.97 -10.63
CA TRP B 118 3.78 3.08 -10.04
C TRP B 118 4.69 3.91 -9.13
N CYS B 119 4.72 3.59 -7.83
CA CYS B 119 5.35 4.39 -6.76
C CYS B 119 6.58 3.71 -6.18
N GLY B 120 6.87 2.46 -6.62
CA GLY B 120 8.00 1.74 -6.03
C GLY B 120 7.69 1.22 -4.66
N SER B 121 8.66 1.29 -3.75
CA SER B 121 8.55 0.69 -2.39
C SER B 121 9.17 1.60 -1.33
N GLY B 122 9.62 2.79 -1.70
CA GLY B 122 10.29 3.70 -0.76
C GLY B 122 9.49 4.95 -0.54
N GLU B 123 10.14 6.10 -0.65
CA GLU B 123 9.54 7.44 -0.45
C GLU B 123 8.39 7.67 -1.44
N GLY B 124 8.34 6.97 -2.57
CA GLY B 124 7.21 7.11 -3.50
C GLY B 124 5.88 6.84 -2.88
N LEU B 125 5.82 5.95 -1.88
CA LEU B 125 4.52 5.58 -1.26
C LEU B 125 3.90 6.84 -0.59
N ASP B 126 4.73 7.80 -0.22
CA ASP B 126 4.29 9.10 0.37
C ASP B 126 4.20 10.18 -0.71
N LEU B 127 5.26 10.34 -1.50
CA LEU B 127 5.35 11.40 -2.54
C LEU B 127 4.37 11.15 -3.65
N GLY B 128 4.06 9.87 -3.97
CA GLY B 128 3.04 9.57 -4.98
C GLY B 128 1.65 9.98 -4.55
N ARG B 129 1.33 9.83 -3.26
CA ARG B 129 0.06 10.32 -2.71
C ARG B 129 0.01 11.85 -2.81
N VAL B 130 1.09 12.53 -2.52
CA VAL B 130 1.15 14.02 -2.67
C VAL B 130 0.85 14.38 -4.12
N CYS B 131 1.45 13.67 -5.06
CA CYS B 131 1.27 13.88 -6.53
C CYS B 131 -0.18 13.71 -6.91
N LEU B 132 -0.80 12.60 -6.48
CA LEU B 132 -2.21 12.31 -6.81
C LEU B 132 -3.06 13.52 -6.37
N ARG B 133 -2.91 13.97 -5.13
CA ARG B 133 -3.73 15.08 -4.59
C ARG B 133 -3.37 16.42 -5.27
N LYS B 134 -2.11 16.62 -5.60
CA LYS B 134 -1.67 17.80 -6.37
C LYS B 134 -2.40 17.87 -7.72
N TRP B 135 -2.58 16.71 -8.36
CA TRP B 135 -3.21 16.67 -9.70
C TRP B 135 -4.72 16.60 -9.55
N GLY B 136 -5.26 16.54 -8.32
CA GLY B 136 -6.70 16.66 -8.12
C GLY B 136 -7.39 15.32 -7.95
N TYR B 137 -6.62 14.25 -7.75
CA TYR B 137 -7.23 12.93 -7.48
C TYR B 137 -7.28 12.62 -5.98
N ARG B 138 -8.16 11.70 -5.63
N ARG B 138 -8.12 11.67 -5.63
CA ARG B 138 -8.24 10.99 -4.32
CA ARG B 138 -8.19 11.01 -4.30
C ARG B 138 -7.70 9.56 -4.53
C ARG B 138 -7.72 9.56 -4.50
N ARG B 139 -6.81 9.10 -3.66
CA ARG B 139 -6.24 7.72 -3.71
C ARG B 139 -7.37 6.77 -3.33
N CYS B 140 -7.81 5.88 -4.22
CA CYS B 140 -8.96 4.98 -3.95
C CYS B 140 -8.54 3.50 -3.86
N GLU B 141 -7.41 3.09 -4.43
CA GLU B 141 -6.91 1.70 -4.26
C GLU B 141 -5.40 1.76 -4.18
N ASP B 142 -4.82 0.77 -3.53
CA ASP B 142 -3.36 0.57 -3.44
C ASP B 142 -3.11 -0.84 -3.95
N ILE B 143 -2.61 -0.95 -5.18
CA ILE B 143 -2.36 -2.28 -5.82
C ILE B 143 -0.92 -2.66 -5.56
N CYS B 144 -0.70 -3.81 -4.92
CA CYS B 144 0.67 -4.26 -4.63
C CYS B 144 1.06 -5.38 -5.59
N TRP B 145 2.17 -5.14 -6.23
CA TRP B 145 2.94 -6.14 -6.99
C TRP B 145 3.89 -6.87 -6.02
N ILE B 146 3.47 -8.07 -5.66
CA ILE B 146 4.19 -8.97 -4.73
C ILE B 146 5.09 -9.90 -5.55
N LYS B 147 6.37 -9.87 -5.30
CA LYS B 147 7.34 -10.60 -6.14
C LYS B 147 7.86 -11.86 -5.42
N THR B 148 7.64 -13.02 -6.04
CA THR B 148 8.15 -14.33 -5.51
C THR B 148 9.62 -14.50 -5.88
N ASN B 149 10.33 -15.33 -5.12
CA ASN B 149 11.74 -15.65 -5.44
C ASN B 149 11.89 -17.18 -5.49
N LYS B 150 10.91 -17.85 -6.11
CA LYS B 150 10.88 -19.34 -6.25
C LYS B 150 12.12 -19.82 -7.03
N ASN B 151 12.55 -19.08 -8.07
CA ASN B 151 13.62 -19.54 -8.99
C ASN B 151 14.99 -19.28 -8.36
N ASN B 152 15.09 -18.42 -7.36
CA ASN B 152 16.42 -18.03 -6.83
C ASN B 152 16.30 -17.54 -5.40
N PRO B 153 15.87 -18.40 -4.45
CA PRO B 153 15.75 -18.01 -3.04
C PRO B 153 17.07 -17.62 -2.37
N GLY B 154 18.21 -17.95 -2.99
CA GLY B 154 19.56 -17.77 -2.43
C GLY B 154 20.27 -16.55 -2.99
N LYS B 155 19.55 -15.42 -3.12
CA LYS B 155 20.14 -14.10 -3.48
C LYS B 155 19.76 -13.10 -2.38
N THR B 156 20.63 -12.12 -2.16
CA THR B 156 20.62 -11.16 -1.03
C THR B 156 20.71 -9.74 -1.61
N LYS B 157 19.60 -8.99 -1.59
CA LYS B 157 19.55 -7.61 -2.14
C LYS B 157 20.22 -6.66 -1.16
N THR B 158 20.98 -5.69 -1.67
CA THR B 158 21.51 -4.55 -0.89
C THR B 158 20.31 -3.73 -0.37
N LEU B 159 20.23 -3.56 0.95
CA LEU B 159 19.09 -2.86 1.63
C LEU B 159 19.22 -1.35 1.43
N ASP B 160 18.14 -0.67 1.04
CA ASP B 160 18.00 0.82 1.14
C ASP B 160 18.29 1.27 2.57
N PRO B 161 18.97 2.43 2.79
CA PRO B 161 19.55 2.72 4.10
C PRO B 161 18.48 2.91 5.18
N LYS B 162 17.31 3.43 4.79
CA LYS B 162 16.19 3.69 5.73
C LYS B 162 15.39 2.40 5.98
N ALA B 163 15.52 1.39 5.12
CA ALA B 163 14.71 0.15 5.13
C ALA B 163 14.88 -0.62 6.46
N VAL B 164 13.78 -1.13 6.98
CA VAL B 164 13.76 -1.97 8.20
C VAL B 164 13.70 -3.43 7.76
N PHE B 165 13.04 -3.66 6.63
CA PHE B 165 12.68 -4.99 6.10
C PHE B 165 13.23 -5.06 4.67
N GLN B 166 13.48 -6.29 4.24
CA GLN B 166 13.72 -6.59 2.83
C GLN B 166 12.46 -6.22 2.08
N ARG B 167 12.58 -5.41 1.04
CA ARG B 167 11.42 -4.97 0.23
C ARG B 167 11.22 -5.95 -0.91
N THR B 168 10.03 -6.51 -1.02
CA THR B 168 9.71 -7.60 -1.97
C THR B 168 8.46 -7.25 -2.79
N LYS B 169 8.06 -5.98 -2.84
CA LYS B 169 6.83 -5.58 -3.55
C LYS B 169 7.02 -4.15 -4.07
N GLU B 170 6.16 -3.78 -5.01
CA GLU B 170 6.00 -2.39 -5.49
C GLU B 170 4.51 -2.05 -5.44
N HIS B 171 4.22 -0.75 -5.33
CA HIS B 171 2.83 -0.30 -5.21
C HIS B 171 2.48 0.52 -6.43
N CYS B 172 1.28 0.30 -6.92
CA CYS B 172 0.64 1.11 -7.99
C CYS B 172 -0.60 1.72 -7.35
N LEU B 173 -0.57 3.04 -7.10
CA LEU B 173 -1.72 3.77 -6.50
C LEU B 173 -2.72 4.13 -7.59
N MET B 174 -3.98 3.85 -7.31
CA MET B 174 -5.11 4.27 -8.12
C MET B 174 -5.76 5.53 -7.55
N GLY B 175 -5.94 6.53 -8.42
CA GLY B 175 -6.58 7.80 -8.06
C GLY B 175 -7.79 8.01 -8.89
N ILE B 176 -8.77 8.69 -8.32
CA ILE B 176 -10.03 9.06 -9.01
C ILE B 176 -10.24 10.57 -8.87
N LYS B 177 -10.69 11.19 -9.93
CA LYS B 177 -11.19 12.60 -9.91
C LYS B 177 -12.59 12.61 -10.49
N GLY B 178 -13.41 13.49 -9.95
CA GLY B 178 -14.85 13.55 -10.25
C GLY B 178 -15.61 12.54 -9.42
N THR B 179 -16.88 12.33 -9.78
CA THR B 179 -17.88 11.51 -9.04
C THR B 179 -17.71 10.01 -9.32
N VAL B 180 -18.21 9.17 -8.41
CA VAL B 180 -18.31 7.69 -8.52
C VAL B 180 -19.71 7.34 -9.04
N ILE B 189 -23.26 -5.84 -16.93
CA ILE B 189 -22.39 -5.82 -18.14
C ILE B 189 -21.03 -5.17 -17.82
N HIS B 190 -20.78 -4.79 -16.55
CA HIS B 190 -19.61 -3.96 -16.11
C HIS B 190 -19.41 -4.02 -14.58
N ALA B 191 -19.04 -5.17 -14.02
CA ALA B 191 -18.99 -5.43 -12.55
C ALA B 191 -17.58 -5.17 -11.97
N ASN B 192 -16.96 -6.16 -11.30
CA ASN B 192 -15.73 -6.01 -10.45
C ASN B 192 -15.29 -7.39 -9.90
N VAL B 193 -14.30 -8.05 -10.52
CA VAL B 193 -13.82 -9.42 -10.13
C VAL B 193 -12.35 -9.37 -9.66
N ASP B 194 -11.62 -8.27 -9.88
CA ASP B 194 -10.15 -8.23 -9.66
C ASP B 194 -9.83 -7.90 -8.19
N ILE B 195 -8.62 -8.25 -7.79
CA ILE B 195 -8.10 -8.04 -6.42
C ILE B 195 -6.92 -7.09 -6.50
N ASP B 196 -6.55 -6.44 -5.39
CA ASP B 196 -5.54 -5.36 -5.36
C ASP B 196 -4.12 -5.93 -5.17
N LEU B 197 -3.89 -7.13 -5.71
CA LEU B 197 -2.62 -7.89 -5.65
C LEU B 197 -2.30 -8.43 -7.05
N ILE B 198 -1.05 -8.32 -7.43
CA ILE B 198 -0.45 -9.03 -8.59
C ILE B 198 0.72 -9.81 -8.04
N ILE B 199 0.77 -11.10 -8.32
CA ILE B 199 1.85 -11.95 -7.77
C ILE B 199 2.59 -12.51 -8.99
N THR B 200 3.86 -12.20 -9.13
CA THR B 200 4.71 -12.78 -10.21
C THR B 200 6.10 -13.01 -9.63
N GLU B 201 6.91 -13.76 -10.35
CA GLU B 201 8.32 -13.94 -9.96
C GLU B 201 9.06 -12.61 -10.17
N GLU B 202 9.98 -12.31 -9.27
CA GLU B 202 10.94 -11.20 -9.41
C GLU B 202 11.66 -11.30 -10.74
N PRO B 203 11.60 -10.25 -11.59
CA PRO B 203 12.28 -10.26 -12.87
C PRO B 203 13.80 -10.35 -12.72
N GLU B 204 14.50 -10.83 -13.75
CA GLU B 204 15.99 -10.77 -13.80
C GLU B 204 16.43 -9.35 -13.50
N ILE B 205 17.64 -9.20 -12.94
CA ILE B 205 18.34 -7.91 -12.72
C ILE B 205 18.26 -7.02 -13.98
N GLY B 206 17.98 -5.73 -13.82
CA GLY B 206 17.95 -4.73 -14.91
C GLY B 206 16.74 -4.85 -15.82
N ASN B 207 15.85 -5.83 -15.59
CA ASN B 207 14.53 -5.88 -16.23
C ASN B 207 13.60 -5.00 -15.38
N ILE B 208 13.23 -3.82 -15.91
CA ILE B 208 12.43 -2.80 -15.18
C ILE B 208 10.96 -2.88 -15.56
N GLU B 209 10.54 -3.88 -16.35
CA GLU B 209 9.13 -4.01 -16.80
C GLU B 209 8.24 -4.21 -15.57
N LYS B 210 7.02 -3.67 -15.61
CA LYS B 210 5.97 -3.95 -14.62
C LYS B 210 5.09 -5.02 -15.22
N PRO B 211 4.43 -5.83 -14.37
CA PRO B 211 3.59 -6.92 -14.83
C PRO B 211 2.45 -6.41 -15.71
N VAL B 212 2.25 -7.09 -16.84
CA VAL B 212 1.24 -6.71 -17.85
C VAL B 212 -0.14 -6.86 -17.21
N GLU B 213 -0.22 -7.61 -16.12
CA GLU B 213 -1.48 -7.78 -15.34
C GLU B 213 -2.07 -6.42 -14.93
N ILE B 214 -1.27 -5.39 -14.78
CA ILE B 214 -1.83 -4.04 -14.42
C ILE B 214 -2.79 -3.57 -15.52
N PHE B 215 -2.51 -3.82 -16.80
CA PHE B 215 -3.38 -3.45 -17.94
C PHE B 215 -4.70 -4.19 -17.84
N HIS B 216 -4.64 -5.47 -17.46
CA HIS B 216 -5.83 -6.32 -17.30
C HIS B 216 -6.75 -5.71 -16.23
N ILE B 217 -6.18 -5.38 -15.09
CA ILE B 217 -6.98 -4.73 -14.01
C ILE B 217 -7.60 -3.43 -14.53
N ILE B 218 -6.83 -2.58 -15.19
CA ILE B 218 -7.35 -1.25 -15.63
C ILE B 218 -8.47 -1.42 -16.67
N GLU B 219 -8.24 -2.27 -17.66
CA GLU B 219 -9.24 -2.49 -18.74
C GLU B 219 -10.53 -3.07 -18.16
N HIS B 220 -10.42 -3.93 -17.15
CA HIS B 220 -11.58 -4.64 -16.52
C HIS B 220 -12.49 -3.63 -15.82
N PHE B 221 -12.00 -2.44 -15.45
CA PHE B 221 -12.86 -1.43 -14.78
C PHE B 221 -13.85 -0.79 -15.77
N CYS B 222 -13.63 -0.90 -17.08
CA CYS B 222 -14.53 -0.34 -18.14
C CYS B 222 -14.72 1.18 -17.92
N LEU B 223 -13.62 1.92 -17.82
CA LEU B 223 -13.61 3.37 -17.40
C LEU B 223 -13.64 4.31 -18.61
N GLY B 224 -13.67 3.80 -19.83
CA GLY B 224 -13.55 4.69 -21.00
C GLY B 224 -12.38 4.26 -21.84
N ARG B 225 -12.33 4.80 -23.05
CA ARG B 225 -11.44 4.26 -24.12
C ARG B 225 -10.23 5.16 -24.30
N ARG B 226 -10.18 6.34 -23.68
CA ARG B 226 -9.04 7.28 -23.86
CA ARG B 226 -9.02 7.24 -23.88
C ARG B 226 -8.01 6.94 -22.76
N ARG B 227 -7.02 6.12 -23.11
CA ARG B 227 -6.05 5.55 -22.17
C ARG B 227 -4.65 5.91 -22.61
N LEU B 228 -3.93 6.54 -21.69
CA LEU B 228 -2.59 7.09 -21.88
C LEU B 228 -1.63 6.35 -20.98
N HIS B 229 -0.53 5.89 -21.57
CA HIS B 229 0.57 5.29 -20.81
C HIS B 229 1.78 6.18 -20.97
N LEU B 230 2.11 6.91 -19.90
CA LEU B 230 3.29 7.80 -19.90
C LEU B 230 4.48 7.02 -19.38
N PHE B 231 5.62 7.21 -20.05
CA PHE B 231 6.90 6.47 -19.84
C PHE B 231 6.72 5.00 -20.27
N GLY B 232 5.80 4.71 -21.18
CA GLY B 232 5.78 3.36 -21.79
C GLY B 232 6.95 3.20 -22.75
N ARG B 233 7.07 2.03 -23.36
CA ARG B 233 8.27 1.63 -24.14
C ARG B 233 7.77 0.85 -25.40
N ASP B 234 8.62 0.53 -26.36
CA ASP B 234 8.16 -0.33 -27.50
C ASP B 234 7.48 -1.58 -26.93
N SER B 235 8.05 -2.15 -25.88
CA SER B 235 7.64 -3.44 -25.24
C SER B 235 6.25 -3.33 -24.60
N THR B 236 5.67 -2.15 -24.37
CA THR B 236 4.40 -2.01 -23.59
C THR B 236 3.27 -1.58 -24.52
N ILE B 237 3.59 -1.26 -25.77
CA ILE B 237 2.56 -0.80 -26.75
C ILE B 237 1.48 -1.87 -26.85
N ARG B 238 0.22 -1.45 -26.90
CA ARG B 238 -0.93 -2.32 -26.62
C ARG B 238 -2.16 -1.73 -27.30
N PRO B 239 -3.03 -2.55 -27.92
CA PRO B 239 -4.27 -2.04 -28.47
C PRO B 239 -5.05 -1.37 -27.35
N GLY B 240 -5.75 -0.29 -27.70
CA GLY B 240 -6.58 0.46 -26.75
C GLY B 240 -5.79 1.48 -25.95
N TRP B 241 -4.49 1.61 -26.17
CA TRP B 241 -3.60 2.55 -25.42
C TRP B 241 -2.86 3.51 -26.35
N LEU B 242 -2.70 4.73 -25.88
CA LEU B 242 -1.70 5.69 -26.43
C LEU B 242 -0.46 5.61 -25.52
N THR B 243 0.70 5.25 -26.07
CA THR B 243 1.95 5.07 -25.34
C THR B 243 2.86 6.25 -25.66
N VAL B 244 3.34 6.95 -24.63
CA VAL B 244 4.26 8.10 -24.85
C VAL B 244 5.48 7.91 -23.98
N GLY B 245 6.65 7.98 -24.57
CA GLY B 245 7.86 7.80 -23.80
C GLY B 245 9.10 8.13 -24.60
N PRO B 246 10.20 8.41 -23.89
CA PRO B 246 11.44 8.80 -24.53
C PRO B 246 12.17 7.70 -25.31
N THR B 247 11.98 6.42 -24.99
CA THR B 247 12.78 5.33 -25.63
C THR B 247 12.04 4.74 -26.83
N LEU B 248 10.82 5.19 -27.16
CA LEU B 248 10.08 4.59 -28.30
C LEU B 248 10.94 4.80 -29.55
N THR B 249 11.09 3.79 -30.38
CA THR B 249 11.91 3.86 -31.63
C THR B 249 11.12 4.54 -32.74
N ASN B 250 9.82 4.42 -32.71
CA ASN B 250 8.88 4.87 -33.78
C ASN B 250 7.70 5.57 -33.14
N SER B 251 7.00 6.39 -33.93
CA SER B 251 5.73 7.08 -33.60
C SER B 251 4.70 6.86 -34.71
N ASN B 252 3.43 6.81 -34.36
CA ASN B 252 2.31 6.84 -35.33
C ASN B 252 1.26 7.87 -34.89
N TYR B 253 1.57 8.66 -33.86
CA TYR B 253 0.52 9.49 -33.18
C TYR B 253 0.15 10.64 -34.09
N ASN B 254 -1.16 10.84 -34.30
CA ASN B 254 -1.73 12.05 -34.92
C ASN B 254 -2.92 12.43 -34.06
N ALA B 255 -2.90 13.65 -33.51
CA ALA B 255 -3.93 14.12 -32.56
C ALA B 255 -5.31 14.06 -33.20
N GLU B 256 -5.40 14.42 -34.48
CA GLU B 256 -6.70 14.44 -35.18
C GLU B 256 -7.20 13.01 -35.39
N THR B 257 -6.36 12.12 -35.89
CA THR B 257 -6.73 10.69 -36.03
C THR B 257 -7.17 10.13 -34.67
N TYR B 258 -6.41 10.37 -33.62
CA TYR B 258 -6.69 9.81 -32.28
C TYR B 258 -8.09 10.29 -31.83
N ALA B 259 -8.32 11.62 -31.89
CA ALA B 259 -9.62 12.26 -31.55
C ALA B 259 -10.77 11.58 -32.30
N SER B 260 -10.55 11.24 -33.58
CA SER B 260 -11.57 10.62 -34.46
C SER B 260 -11.98 9.25 -33.94
N TYR B 261 -11.17 8.54 -33.16
CA TYR B 261 -11.61 7.27 -32.56
C TYR B 261 -12.75 7.48 -31.57
N PHE B 262 -12.87 8.68 -30.98
CA PHE B 262 -13.80 8.94 -29.84
C PHE B 262 -14.91 9.91 -30.27
N SER B 263 -14.99 10.22 -31.56
CA SER B 263 -16.04 11.08 -32.17
C SER B 263 -17.37 10.35 -32.12
N ALA B 264 -18.48 11.11 -32.06
CA ALA B 264 -19.87 10.60 -32.09
C ALA B 264 -19.98 9.59 -33.22
N PRO B 265 -20.69 8.45 -33.03
CA PRO B 265 -21.44 8.15 -31.78
C PRO B 265 -20.72 7.45 -30.61
N ASN B 266 -19.38 7.57 -30.51
CA ASN B 266 -18.49 6.65 -29.76
C ASN B 266 -17.93 7.33 -28.50
N SER B 267 -18.39 8.54 -28.20
CA SER B 267 -17.79 9.49 -27.23
C SER B 267 -17.77 8.94 -25.78
N TYR B 268 -18.82 8.21 -25.39
CA TYR B 268 -19.12 7.85 -23.98
C TYR B 268 -18.97 6.34 -23.73
N LEU B 269 -18.58 5.56 -24.75
CA LEU B 269 -18.29 4.10 -24.62
C LEU B 269 -17.37 3.86 -23.42
N THR B 270 -17.62 2.78 -22.68
CA THR B 270 -16.86 2.37 -21.47
C THR B 270 -15.63 1.57 -21.91
N GLY B 271 -15.68 1.01 -23.12
CA GLY B 271 -14.64 0.09 -23.64
C GLY B 271 -14.99 -1.36 -23.34
N CYS B 272 -16.18 -1.63 -22.80
CA CYS B 272 -16.62 -3.01 -22.47
C CYS B 272 -17.97 -3.34 -23.13
N THR B 273 -18.43 -2.55 -24.09
CA THR B 273 -19.75 -2.72 -24.78
C THR B 273 -19.55 -2.94 -26.29
N GLU B 274 -20.62 -3.36 -26.99
CA GLU B 274 -20.62 -3.57 -28.46
C GLU B 274 -20.22 -2.28 -29.18
N GLU B 275 -19.36 -2.37 -30.20
CA GLU B 275 -19.08 -1.21 -31.09
C GLU B 275 -20.41 -0.80 -31.73
N ILE B 276 -20.63 0.50 -31.93
CA ILE B 276 -21.91 1.08 -32.43
C ILE B 276 -21.95 0.91 -33.96
N GLU B 277 -23.04 0.36 -34.48
CA GLU B 277 -23.15 -0.05 -35.92
C GLU B 277 -23.29 1.18 -36.84
N ARG B 278 -22.69 1.11 -38.04
CA ARG B 278 -22.74 2.13 -39.14
C ARG B 278 -23.13 1.47 -40.48
N LEU B 279 -23.09 2.26 -41.57
CA LEU B 279 -23.22 1.80 -42.99
C LEU B 279 -22.31 2.67 -43.88
#